data_6BWB
#
_entry.id   6BWB
#
_cell.length_a   48.160
_cell.length_b   58.990
_cell.length_c   169.289
_cell.angle_alpha   90.00
_cell.angle_beta   90.00
_cell.angle_gamma   90.00
#
_symmetry.space_group_name_H-M   'P 21 21 21'
#
loop_
_entity.id
_entity.type
_entity.pdbx_description
1 polymer 'Importin subunit alpha-3'
2 polymer 'Protein W'
3 water water
#
loop_
_entity_poly.entity_id
_entity_poly.type
_entity_poly.pdbx_seq_one_letter_code
_entity_poly.pdbx_strand_id
1 'polypeptide(L)'
;SGDYRVQNTSLEAIVQNASSDNQGIQLSAVQAARKLLSSDRNPPIDDLIKSGILPILVHCLERDDNPSLQFEAAWALTNI
ASGTSEQTQAVVQSNAVPLFLRLLHSPHQNVCEQAVWALGNIIGDGPQCRDYVISLGVVKPLLSFISPSIPITFLRNVTW
VMVNLCRHKDPPPPMETIQEILPALCVLIHHTDVNILVDTVWALSYLTDAGNEQIQMVIDSGIVPHLVPLLSHQEVKVQT
AALRAVGNIVTGTDEQTQVVLNCDALSHFPALLTHPKEKINKEAVWFLSNITAGNQQQVQAVIDANLVPMIIHLLDKGDF
GTQKEAAWAISNLTISGRKDQVAYLIQQNVIPPFCNLLTVKDAQVVQVVLDGLSNILKMAEDEAETIGNLIEECGGLEKI
EQLQNHENEDIYKLAYEIIDQFFSSDDIDEDPSLVPEAIQGGTFGFNSSANVPTEGFQF
;
A
2 'polypeptide(L)' SRSLNMLGRKTCLGRRVVQPGMFADYPPTKKARVLLRRMSN B
#
# COMPACT_ATOMS: atom_id res chain seq x y z
N SER A 10 11.60 -0.19 -41.71
CA SER A 10 12.09 -1.40 -41.07
C SER A 10 13.10 -1.06 -39.98
N LEU A 11 13.27 -1.98 -39.03
CA LEU A 11 14.16 -1.73 -37.90
C LEU A 11 15.60 -1.52 -38.36
N GLU A 12 16.05 -2.31 -39.35
CA GLU A 12 17.42 -2.14 -39.87
C GLU A 12 17.64 -0.73 -40.38
N ALA A 13 16.74 -0.27 -41.25
CA ALA A 13 16.86 1.08 -41.80
C ALA A 13 16.80 2.12 -40.69
N ILE A 14 15.89 1.91 -39.72
CA ILE A 14 15.74 2.87 -38.63
C ILE A 14 17.04 3.00 -37.86
N VAL A 15 17.65 1.87 -37.49
CA VAL A 15 18.91 1.89 -36.76
C VAL A 15 19.99 2.59 -37.59
N GLN A 16 20.10 2.22 -38.86
CA GLN A 16 21.10 2.83 -39.73
C GLN A 16 20.93 4.35 -39.75
N ASN A 17 19.72 4.82 -40.06
CA ASN A 17 19.45 6.25 -40.17
C ASN A 17 19.60 6.97 -38.84
N ALA A 18 19.36 6.28 -37.72
CA ALA A 18 19.52 6.90 -36.42
C ALA A 18 20.99 7.05 -36.05
N SER A 19 21.86 6.18 -36.56
CA SER A 19 23.30 6.37 -36.32
C SER A 19 23.88 7.53 -37.13
N SER A 20 23.14 8.05 -38.11
CA SER A 20 23.65 9.05 -39.04
C SER A 20 24.15 10.29 -38.31
N ASP A 21 25.08 10.98 -38.97
CA ASP A 21 25.58 12.27 -38.50
C ASP A 21 24.69 13.44 -38.88
N ASN A 22 23.72 13.23 -39.77
CA ASN A 22 22.77 14.28 -40.15
C ASN A 22 21.56 14.21 -39.21
N GLN A 23 21.39 15.25 -38.39
CA GLN A 23 20.44 15.10 -37.30
C GLN A 23 18.98 15.25 -37.74
N GLY A 24 18.72 15.76 -38.95
CA GLY A 24 17.37 15.68 -39.48
C GLY A 24 16.93 14.24 -39.77
N ILE A 25 17.82 13.47 -40.39
CA ILE A 25 17.57 12.05 -40.64
C ILE A 25 17.53 11.27 -39.32
N GLN A 26 18.47 11.56 -38.43
CA GLN A 26 18.43 10.98 -37.08
C GLN A 26 17.07 11.20 -36.45
N LEU A 27 16.58 12.44 -36.47
CA LEU A 27 15.34 12.73 -35.79
C LEU A 27 14.19 11.95 -36.41
N SER A 28 14.12 11.93 -37.75
CA SER A 28 13.06 11.17 -38.39
C SER A 28 13.08 9.70 -37.97
N ALA A 29 14.28 9.10 -37.93
CA ALA A 29 14.40 7.70 -37.57
C ALA A 29 14.07 7.45 -36.10
N VAL A 30 14.54 8.32 -35.21
CA VAL A 30 14.20 8.18 -33.81
C VAL A 30 12.69 8.30 -33.63
N GLN A 31 12.06 9.23 -34.35
CA GLN A 31 10.61 9.36 -34.25
C GLN A 31 9.90 8.10 -34.76
N ALA A 32 10.45 7.45 -35.79
CA ALA A 32 9.86 6.20 -36.27
C ALA A 32 9.96 5.09 -35.23
N ALA A 33 11.10 5.02 -34.54
CA ALA A 33 11.24 4.05 -33.45
C ALA A 33 10.26 4.36 -32.33
N ARG A 34 10.15 5.63 -31.96
CA ARG A 34 9.18 6.03 -30.94
C ARG A 34 7.77 5.63 -31.35
N LYS A 35 7.40 5.86 -32.62
CA LYS A 35 6.08 5.46 -33.08
C LYS A 35 5.87 3.96 -32.89
N LEU A 36 6.86 3.15 -33.28
CA LEU A 36 6.71 1.72 -33.05
C LEU A 36 6.49 1.42 -31.57
N LEU A 37 7.09 2.22 -30.69
CA LEU A 37 7.04 1.92 -29.27
C LEU A 37 5.84 2.51 -28.56
N SER A 38 5.08 3.42 -29.20
CA SER A 38 4.06 4.17 -28.48
C SER A 38 2.71 4.20 -29.19
N SER A 39 2.45 3.28 -30.12
CA SER A 39 1.19 3.29 -30.86
C SER A 39 0.13 2.46 -30.20
N ASP A 40 0.51 1.34 -29.59
CA ASP A 40 -0.42 0.45 -28.92
C ASP A 40 0.16 0.05 -27.57
N ARG A 41 -0.47 -0.92 -26.91
CA ARG A 41 -0.03 -1.42 -25.62
C ARG A 41 0.73 -2.73 -25.75
N ASN A 42 1.26 -3.04 -26.95
CA ASN A 42 2.08 -4.24 -27.16
C ASN A 42 3.28 -3.88 -28.03
N PRO A 43 4.11 -2.93 -27.57
CA PRO A 43 5.22 -2.49 -28.40
C PRO A 43 6.23 -3.57 -28.58
N PRO A 44 6.95 -3.60 -29.71
CA PRO A 44 7.97 -4.63 -29.94
C PRO A 44 9.30 -4.26 -29.27
N ILE A 45 9.32 -4.28 -27.94
CA ILE A 45 10.50 -3.84 -27.21
C ILE A 45 11.67 -4.77 -27.49
N ASP A 46 11.42 -6.09 -27.49
CA ASP A 46 12.52 -7.02 -27.69
C ASP A 46 13.16 -6.85 -29.07
N ASP A 47 12.34 -6.65 -30.10
CA ASP A 47 12.90 -6.44 -31.44
C ASP A 47 13.76 -5.18 -31.48
N LEU A 48 13.29 -4.09 -30.88
CA LEU A 48 14.08 -2.87 -30.95
C LEU A 48 15.36 -2.98 -30.14
N ILE A 49 15.34 -3.71 -29.02
CA ILE A 49 16.58 -3.95 -28.27
C ILE A 49 17.55 -4.77 -29.10
N LYS A 50 17.07 -5.86 -29.70
CA LYS A 50 17.93 -6.72 -30.49
C LYS A 50 18.53 -5.98 -31.69
N SER A 51 17.81 -5.02 -32.25
CA SER A 51 18.32 -4.30 -33.41
C SER A 51 19.52 -3.41 -33.07
N GLY A 52 19.83 -3.22 -31.79
CA GLY A 52 20.96 -2.40 -31.41
C GLY A 52 20.68 -0.90 -31.39
N ILE A 53 19.47 -0.50 -31.04
CA ILE A 53 19.13 0.92 -31.04
C ILE A 53 19.44 1.59 -29.70
N LEU A 54 19.55 0.82 -28.61
CA LEU A 54 19.73 1.43 -27.30
C LEU A 54 20.93 2.36 -27.24
N PRO A 55 22.13 1.95 -27.65
CA PRO A 55 23.26 2.91 -27.61
C PRO A 55 23.01 4.14 -28.45
N ILE A 56 22.28 4.02 -29.56
CA ILE A 56 22.00 5.17 -30.39
C ILE A 56 21.07 6.14 -29.66
N LEU A 57 19.99 5.62 -29.07
CA LEU A 57 19.09 6.49 -28.31
C LEU A 57 19.82 7.18 -27.17
N VAL A 58 20.66 6.44 -26.46
CA VAL A 58 21.41 7.03 -25.36
C VAL A 58 22.31 8.15 -25.88
N HIS A 59 22.99 7.91 -27.00
CA HIS A 59 23.81 8.96 -27.61
C HIS A 59 22.96 10.18 -27.97
N CYS A 60 21.77 9.94 -28.51
CA CYS A 60 20.86 11.05 -28.84
C CYS A 60 20.53 11.87 -27.61
N LEU A 61 20.50 11.24 -26.44
CA LEU A 61 20.24 12.00 -25.22
C LEU A 61 21.28 13.08 -24.95
N GLU A 62 22.47 13.00 -25.57
CA GLU A 62 23.53 13.96 -25.33
C GLU A 62 23.42 15.22 -26.18
N ARG A 63 22.44 15.30 -27.08
CA ARG A 63 22.41 16.35 -28.10
C ARG A 63 21.68 17.58 -27.57
N ASP A 64 22.40 18.37 -26.78
CA ASP A 64 21.85 19.62 -26.26
C ASP A 64 21.48 20.59 -27.37
N ASP A 65 22.12 20.47 -28.53
CA ASP A 65 21.80 21.30 -29.68
C ASP A 65 20.51 20.89 -30.38
N ASN A 66 19.93 19.75 -30.03
CA ASN A 66 18.71 19.28 -30.68
C ASN A 66 17.76 18.73 -29.62
N PRO A 67 17.10 19.61 -28.87
CA PRO A 67 16.12 19.16 -27.86
C PRO A 67 15.06 18.21 -28.41
N SER A 68 14.64 18.34 -29.67
CA SER A 68 13.66 17.41 -30.23
C SER A 68 14.19 15.99 -30.23
N LEU A 69 15.45 15.84 -30.58
CA LEU A 69 16.06 14.51 -30.60
C LEU A 69 16.17 13.95 -29.20
N GLN A 70 16.58 14.77 -28.22
CA GLN A 70 16.61 14.35 -26.83
C GLN A 70 15.24 13.90 -26.37
N PHE A 71 14.22 14.69 -26.66
CA PHE A 71 12.86 14.38 -26.22
C PHE A 71 12.38 13.06 -26.84
N GLU A 72 12.55 12.90 -28.16
CA GLU A 72 12.06 11.68 -28.81
C GLU A 72 12.84 10.46 -28.33
N ALA A 73 14.16 10.58 -28.17
CA ALA A 73 14.94 9.47 -27.65
C ALA A 73 14.52 9.14 -26.24
N ALA A 74 14.30 10.16 -25.40
CA ALA A 74 13.83 9.91 -24.05
C ALA A 74 12.48 9.21 -24.04
N TRP A 75 11.61 9.55 -25.00
CA TRP A 75 10.30 8.91 -25.08
C TRP A 75 10.43 7.44 -25.48
N ALA A 76 11.25 7.17 -26.48
CA ALA A 76 11.53 5.80 -26.88
C ALA A 76 12.09 5.00 -25.72
N LEU A 77 13.08 5.57 -25.00
CA LEU A 77 13.68 4.88 -23.88
C LEU A 77 12.70 4.71 -22.73
N THR A 78 11.86 5.71 -22.49
CA THR A 78 10.78 5.58 -21.51
C THR A 78 9.98 4.32 -21.78
N ASN A 79 9.54 4.14 -23.03
CA ASN A 79 8.67 3.02 -23.33
C ASN A 79 9.40 1.69 -23.30
N ILE A 80 10.67 1.67 -23.71
CA ILE A 80 11.46 0.45 -23.54
C ILE A 80 11.58 0.09 -22.06
N ALA A 81 11.83 1.10 -21.21
CA ALA A 81 11.99 0.89 -19.78
C ALA A 81 10.68 0.58 -19.07
N SER A 82 9.54 0.77 -19.72
CA SER A 82 8.25 0.45 -19.12
C SER A 82 7.91 -1.03 -19.16
N GLY A 83 8.79 -1.85 -19.71
CA GLY A 83 8.53 -3.26 -19.88
C GLY A 83 9.05 -4.09 -18.73
N THR A 84 9.51 -5.29 -19.05
CA THR A 84 9.95 -6.24 -18.02
C THR A 84 11.27 -5.79 -17.40
N SER A 85 11.65 -6.47 -16.31
CA SER A 85 12.90 -6.13 -15.65
C SER A 85 14.07 -6.23 -16.61
N GLU A 86 14.11 -7.26 -17.45
CA GLU A 86 15.21 -7.41 -18.40
C GLU A 86 15.28 -6.23 -19.37
N GLN A 87 14.13 -5.71 -19.80
CA GLN A 87 14.13 -4.59 -20.74
C GLN A 87 14.54 -3.28 -20.05
N THR A 88 13.99 -3.03 -18.86
CA THR A 88 14.44 -1.88 -18.08
C THR A 88 15.94 -1.95 -17.83
N GLN A 89 16.44 -3.13 -17.48
CA GLN A 89 17.86 -3.31 -17.22
C GLN A 89 18.69 -3.10 -18.46
N ALA A 90 18.18 -3.46 -19.64
CA ALA A 90 18.91 -3.15 -20.87
C ALA A 90 19.09 -1.64 -20.99
N VAL A 91 18.04 -0.89 -20.67
CA VAL A 91 18.15 0.57 -20.71
C VAL A 91 19.21 1.08 -19.72
N VAL A 92 19.21 0.55 -18.51
CA VAL A 92 20.20 0.91 -17.50
C VAL A 92 21.63 0.52 -17.90
N GLN A 93 21.79 -0.68 -18.47
CA GLN A 93 23.08 -1.18 -18.89
C GLN A 93 23.67 -0.29 -19.96
N SER A 94 22.83 0.33 -20.81
CA SER A 94 23.41 1.17 -21.85
C SER A 94 23.75 2.57 -21.35
N ASN A 95 23.85 2.75 -20.02
CA ASN A 95 24.29 4.01 -19.41
C ASN A 95 23.26 5.14 -19.59
N ALA A 96 21.96 4.81 -19.65
CA ALA A 96 20.97 5.85 -19.86
C ALA A 96 20.80 6.74 -18.63
N VAL A 97 21.09 6.24 -17.43
CA VAL A 97 20.66 6.93 -16.21
C VAL A 97 21.41 8.25 -16.03
N PRO A 98 22.74 8.29 -16.12
CA PRO A 98 23.43 9.57 -15.95
C PRO A 98 23.01 10.61 -16.98
N LEU A 99 22.65 10.17 -18.19
CA LEU A 99 22.20 11.13 -19.20
C LEU A 99 20.80 11.64 -18.91
N PHE A 100 19.92 10.79 -18.39
CA PHE A 100 18.62 11.30 -17.93
C PHE A 100 18.80 12.31 -16.81
N LEU A 101 19.70 12.01 -15.86
CA LEU A 101 19.96 12.94 -14.78
C LEU A 101 20.47 14.28 -15.32
N ARG A 102 21.30 14.23 -16.37
CA ARG A 102 21.72 15.45 -17.04
C ARG A 102 20.52 16.19 -17.62
N LEU A 103 19.61 15.47 -18.27
CA LEU A 103 18.46 16.12 -18.90
C LEU A 103 17.53 16.75 -17.89
N LEU A 104 17.64 16.36 -16.62
CA LEU A 104 16.81 16.98 -15.59
C LEU A 104 17.07 18.47 -15.44
N HIS A 105 18.21 18.95 -15.94
CA HIS A 105 18.55 20.37 -15.87
C HIS A 105 18.51 21.02 -17.25
N SER A 106 17.78 20.41 -18.17
CA SER A 106 17.63 21.00 -19.48
C SER A 106 16.76 22.25 -19.41
N PRO A 107 17.02 23.24 -20.25
CA PRO A 107 16.15 24.43 -20.28
C PRO A 107 14.78 24.16 -20.89
N HIS A 108 14.62 23.06 -21.62
CA HIS A 108 13.37 22.75 -22.31
C HIS A 108 12.53 21.83 -21.45
N GLN A 109 11.34 22.31 -21.08
CA GLN A 109 10.48 21.62 -20.12
C GLN A 109 10.20 20.18 -20.55
N ASN A 110 9.88 19.97 -21.82
CA ASN A 110 9.43 18.66 -22.29
C ASN A 110 10.54 17.61 -22.21
N VAL A 111 11.78 18.02 -22.45
CA VAL A 111 12.93 17.15 -22.24
C VAL A 111 13.03 16.73 -20.79
N CYS A 112 12.90 17.71 -19.87
CA CYS A 112 12.95 17.43 -18.44
C CYS A 112 11.87 16.45 -18.04
N GLU A 113 10.64 16.71 -18.46
CA GLU A 113 9.51 15.85 -18.10
C GLU A 113 9.73 14.43 -18.57
N GLN A 114 10.18 14.27 -19.82
CA GLN A 114 10.30 12.91 -20.32
C GLN A 114 11.43 12.17 -19.62
N ALA A 115 12.50 12.90 -19.25
CA ALA A 115 13.55 12.29 -18.45
C ALA A 115 13.04 11.87 -17.07
N VAL A 116 12.21 12.71 -16.44
CA VAL A 116 11.59 12.31 -15.18
C VAL A 116 10.80 11.03 -15.35
N TRP A 117 9.99 10.95 -16.41
CA TRP A 117 9.19 9.76 -16.65
C TRP A 117 10.07 8.51 -16.82
N ALA A 118 11.10 8.61 -17.67
CA ALA A 118 11.99 7.47 -17.90
C ALA A 118 12.64 7.02 -16.59
N LEU A 119 13.12 7.97 -15.80
CA LEU A 119 13.69 7.63 -14.52
C LEU A 119 12.65 6.99 -13.62
N GLY A 120 11.39 7.39 -13.75
CA GLY A 120 10.36 6.76 -12.94
C GLY A 120 10.24 5.28 -13.23
N ASN A 121 10.28 4.92 -14.51
CA ASN A 121 10.22 3.50 -14.90
C ASN A 121 11.43 2.73 -14.38
N ILE A 122 12.61 3.33 -14.52
CA ILE A 122 13.83 2.68 -14.04
C ILE A 122 13.74 2.47 -12.54
N ILE A 123 13.40 3.52 -11.79
CA ILE A 123 13.29 3.41 -10.35
C ILE A 123 12.24 2.38 -9.97
N GLY A 124 11.15 2.32 -10.74
CA GLY A 124 10.09 1.38 -10.44
C GLY A 124 10.49 -0.07 -10.62
N ASP A 125 11.55 -0.34 -11.38
CA ASP A 125 11.93 -1.74 -11.60
C ASP A 125 12.25 -2.47 -10.29
N GLY A 126 12.84 -1.80 -9.32
CA GLY A 126 13.19 -2.47 -8.09
C GLY A 126 14.18 -1.71 -7.21
N PRO A 127 14.44 -2.25 -6.02
CA PRO A 127 15.25 -1.49 -5.05
C PRO A 127 16.69 -1.29 -5.45
N GLN A 128 17.31 -2.24 -6.16
CA GLN A 128 18.70 -2.04 -6.57
C GLN A 128 18.82 -0.98 -7.66
N CYS A 129 17.93 -1.00 -8.66
CA CYS A 129 17.88 0.10 -9.62
C CYS A 129 17.64 1.43 -8.91
N ARG A 130 16.62 1.45 -8.05
CA ARG A 130 16.31 2.65 -7.28
C ARG A 130 17.56 3.18 -6.61
N ASP A 131 18.31 2.30 -5.94
CA ASP A 131 19.46 2.73 -5.17
C ASP A 131 20.61 3.18 -6.06
N TYR A 132 20.75 2.58 -7.24
CA TYR A 132 21.68 3.15 -8.22
C TYR A 132 21.30 4.59 -8.55
N VAL A 133 20.03 4.81 -8.92
CA VAL A 133 19.60 6.15 -9.31
C VAL A 133 19.75 7.14 -8.14
N ILE A 134 19.41 6.70 -6.93
CA ILE A 134 19.55 7.55 -5.75
C ILE A 134 21.01 7.92 -5.53
N SER A 135 21.90 6.92 -5.59
CA SER A 135 23.32 7.18 -5.34
C SER A 135 23.89 8.21 -6.29
N LEU A 136 23.31 8.36 -7.48
CA LEU A 136 23.78 9.37 -8.44
C LEU A 136 23.12 10.72 -8.23
N GLY A 137 22.15 10.84 -7.33
CA GLY A 137 21.61 12.13 -6.96
C GLY A 137 20.38 12.56 -7.74
N VAL A 138 19.31 11.79 -7.65
CA VAL A 138 18.10 12.10 -8.41
C VAL A 138 17.12 12.89 -7.55
N VAL A 139 17.16 12.71 -6.24
CA VAL A 139 16.07 13.17 -5.39
C VAL A 139 15.99 14.69 -5.40
N LYS A 140 17.10 15.37 -5.11
CA LYS A 140 17.03 16.83 -5.00
C LYS A 140 16.62 17.48 -6.30
N PRO A 141 17.18 17.12 -7.45
CA PRO A 141 16.66 17.67 -8.71
C PRO A 141 15.19 17.35 -8.93
N LEU A 142 14.77 16.11 -8.66
CA LEU A 142 13.37 15.77 -8.83
C LEU A 142 12.48 16.70 -8.03
N LEU A 143 12.80 16.86 -6.74
CA LEU A 143 11.97 17.67 -5.86
C LEU A 143 12.03 19.14 -6.22
N SER A 144 13.11 19.58 -6.87
CA SER A 144 13.26 20.99 -7.22
C SER A 144 12.19 21.45 -8.21
N PHE A 145 11.52 20.53 -8.90
CA PHE A 145 10.50 20.95 -9.86
C PHE A 145 9.21 21.36 -9.19
N ILE A 146 9.04 21.05 -7.91
CA ILE A 146 7.80 21.32 -7.19
C ILE A 146 7.77 22.81 -6.86
N SER A 147 7.02 23.57 -7.65
CA SER A 147 6.86 25.00 -7.45
C SER A 147 5.54 25.42 -8.05
N PRO A 148 5.06 26.63 -7.71
CA PRO A 148 3.70 27.02 -8.13
C PRO A 148 3.46 26.94 -9.62
N SER A 149 4.49 27.12 -10.43
CA SER A 149 4.32 27.19 -11.87
C SER A 149 4.41 25.83 -12.55
N ILE A 150 4.77 24.77 -11.83
CA ILE A 150 4.94 23.48 -12.50
C ILE A 150 3.61 23.08 -13.14
N PRO A 151 3.59 22.64 -14.40
CA PRO A 151 2.34 22.12 -14.98
C PRO A 151 1.84 20.90 -14.22
N ILE A 152 0.51 20.75 -14.21
CA ILE A 152 -0.10 19.73 -13.36
C ILE A 152 0.27 18.33 -13.85
N THR A 153 0.40 18.14 -15.16
CA THR A 153 0.78 16.84 -15.68
C THR A 153 2.19 16.46 -15.22
N PHE A 154 3.11 17.41 -15.30
CA PHE A 154 4.47 17.18 -14.83
C PHE A 154 4.46 16.86 -13.34
N LEU A 155 3.68 17.59 -12.56
CA LEU A 155 3.64 17.36 -11.12
C LEU A 155 3.12 15.96 -10.82
N ARG A 156 2.14 15.49 -11.59
CA ARG A 156 1.66 14.12 -11.40
C ARG A 156 2.77 13.12 -11.66
N ASN A 157 3.60 13.37 -12.68
CA ASN A 157 4.71 12.46 -12.92
C ASN A 157 5.72 12.51 -11.78
N VAL A 158 6.04 13.71 -11.28
CA VAL A 158 6.97 13.85 -10.16
C VAL A 158 6.48 13.07 -8.95
N THR A 159 5.18 13.16 -8.66
CA THR A 159 4.65 12.51 -7.47
C THR A 159 4.65 11.00 -7.65
N TRP A 160 4.36 10.52 -8.86
CA TRP A 160 4.47 9.10 -9.13
C TRP A 160 5.91 8.61 -8.97
N VAL A 161 6.88 9.39 -9.43
CA VAL A 161 8.27 9.01 -9.22
C VAL A 161 8.58 8.92 -7.72
N MET A 162 8.03 9.84 -6.93
CA MET A 162 8.20 9.76 -5.47
C MET A 162 7.60 8.48 -4.89
N VAL A 163 6.44 8.08 -5.40
CA VAL A 163 5.89 6.78 -5.03
C VAL A 163 6.93 5.69 -5.28
N ASN A 164 7.51 5.69 -6.49
CA ASN A 164 8.46 4.63 -6.83
C ASN A 164 9.71 4.70 -5.97
N LEU A 165 10.12 5.89 -5.55
CA LEU A 165 11.25 6.01 -4.65
C LEU A 165 10.94 5.47 -3.25
N CYS A 166 9.66 5.44 -2.84
CA CYS A 166 9.31 5.02 -1.49
C CYS A 166 8.94 3.54 -1.34
N ARG A 167 8.59 2.83 -2.42
CA ARG A 167 7.75 1.64 -2.31
C ARG A 167 8.47 0.31 -2.10
N HIS A 168 9.71 0.14 -2.53
CA HIS A 168 10.34 -1.18 -2.44
C HIS A 168 11.00 -1.38 -1.08
N LYS A 169 10.99 -2.62 -0.60
CA LYS A 169 11.32 -2.92 0.80
C LYS A 169 12.53 -3.82 1.01
N ASP A 170 13.27 -4.21 -0.03
CA ASP A 170 14.31 -5.22 0.09
C ASP A 170 15.58 -4.79 -0.63
N PRO A 171 16.28 -3.78 -0.11
CA PRO A 171 16.01 -3.00 1.11
C PRO A 171 15.09 -1.80 0.90
N PRO A 172 14.66 -1.16 1.99
CA PRO A 172 13.90 0.08 1.84
C PRO A 172 14.81 1.22 1.44
N PRO A 173 14.26 2.35 0.98
CA PRO A 173 15.10 3.45 0.56
C PRO A 173 15.95 3.96 1.71
N PRO A 174 17.13 4.52 1.42
CA PRO A 174 17.96 5.08 2.47
C PRO A 174 17.22 6.12 3.31
N MET A 175 17.60 6.19 4.58
CA MET A 175 17.00 7.16 5.50
C MET A 175 17.15 8.59 5.01
N GLU A 176 18.33 8.95 4.47
CA GLU A 176 18.52 10.29 3.92
C GLU A 176 17.48 10.60 2.85
N THR A 177 17.21 9.63 1.98
CA THR A 177 16.22 9.83 0.92
C THR A 177 14.83 10.04 1.50
N ILE A 178 14.47 9.25 2.51
CA ILE A 178 13.19 9.47 3.18
C ILE A 178 13.13 10.86 3.78
N GLN A 179 14.22 11.31 4.40
CA GLN A 179 14.25 12.63 5.02
C GLN A 179 14.12 13.74 3.98
N GLU A 180 14.64 13.52 2.78
CA GLU A 180 14.46 14.49 1.70
C GLU A 180 13.03 14.45 1.16
N ILE A 181 12.42 13.26 1.10
CA ILE A 181 11.13 13.12 0.44
C ILE A 181 10.01 13.61 1.33
N LEU A 182 10.11 13.36 2.63
CA LEU A 182 8.97 13.62 3.51
C LEU A 182 8.51 15.06 3.50
N PRO A 183 9.39 16.07 3.52
CA PRO A 183 8.92 17.46 3.43
C PRO A 183 8.15 17.74 2.16
N ALA A 184 8.54 17.11 1.05
CA ALA A 184 7.79 17.26 -0.18
C ALA A 184 6.40 16.66 -0.04
N LEU A 185 6.29 15.53 0.66
CA LEU A 185 4.98 14.92 0.86
C LEU A 185 4.10 15.77 1.76
N CYS A 186 4.72 16.42 2.75
CA CYS A 186 4.00 17.37 3.61
C CYS A 186 3.49 18.55 2.80
N VAL A 187 4.23 18.96 1.77
CA VAL A 187 3.71 19.98 0.87
C VAL A 187 2.54 19.41 0.06
N LEU A 188 2.75 18.25 -0.57
CA LEU A 188 1.80 17.77 -1.57
C LEU A 188 0.51 17.24 -0.97
N ILE A 189 0.48 16.89 0.31
CA ILE A 189 -0.73 16.35 0.87
C ILE A 189 -1.87 17.36 0.88
N HIS A 190 -1.58 18.63 0.63
CA HIS A 190 -2.58 19.68 0.55
C HIS A 190 -3.08 19.91 -0.87
N HIS A 191 -2.52 19.26 -1.87
CA HIS A 191 -3.02 19.45 -3.22
C HIS A 191 -4.43 18.89 -3.35
N THR A 192 -5.23 19.51 -4.21
CA THR A 192 -6.60 19.07 -4.45
C THR A 192 -6.75 18.27 -5.74
N ASP A 193 -5.72 18.20 -6.57
CA ASP A 193 -5.75 17.30 -7.71
C ASP A 193 -5.76 15.86 -7.19
N VAL A 194 -6.78 15.10 -7.61
CA VAL A 194 -6.97 13.74 -7.11
C VAL A 194 -5.73 12.89 -7.35
N ASN A 195 -5.18 12.95 -8.57
CA ASN A 195 -4.04 12.10 -8.91
C ASN A 195 -2.86 12.35 -7.97
N ILE A 196 -2.52 13.61 -7.75
CA ILE A 196 -1.39 13.97 -6.89
C ILE A 196 -1.66 13.51 -5.48
N LEU A 197 -2.89 13.70 -4.99
CA LEU A 197 -3.22 13.37 -3.62
C LEU A 197 -3.19 11.86 -3.38
N VAL A 198 -3.74 11.10 -4.30
CA VAL A 198 -3.71 9.64 -4.18
C VAL A 198 -2.28 9.14 -4.19
N ASP A 199 -1.45 9.66 -5.10
CA ASP A 199 -0.07 9.21 -5.15
C ASP A 199 0.72 9.65 -3.92
N THR A 200 0.45 10.86 -3.42
CA THR A 200 1.10 11.32 -2.19
C THR A 200 0.78 10.40 -1.02
N VAL A 201 -0.50 10.06 -0.85
CA VAL A 201 -0.91 9.22 0.27
C VAL A 201 -0.38 7.80 0.09
N TRP A 202 -0.28 7.32 -1.14
CA TRP A 202 0.29 6.00 -1.36
C TRP A 202 1.79 5.98 -1.01
N ALA A 203 2.52 7.01 -1.41
CA ALA A 203 3.93 7.09 -1.00
C ALA A 203 4.06 7.11 0.51
N LEU A 204 3.20 7.88 1.17
CA LEU A 204 3.18 7.86 2.63
C LEU A 204 2.93 6.45 3.15
N SER A 205 1.96 5.74 2.56
CA SER A 205 1.65 4.40 3.04
C SER A 205 2.82 3.45 2.85
N TYR A 206 3.61 3.66 1.80
CA TYR A 206 4.77 2.81 1.60
C TYR A 206 5.85 3.14 2.62
N LEU A 207 5.90 4.39 3.09
CA LEU A 207 6.82 4.71 4.19
C LEU A 207 6.32 4.14 5.52
N THR A 208 5.01 4.22 5.78
CA THR A 208 4.50 3.75 7.06
C THR A 208 4.45 2.23 7.15
N ASP A 209 4.61 1.52 6.03
CA ASP A 209 4.74 0.06 6.04
C ASP A 209 6.20 -0.39 6.13
N ALA A 210 7.14 0.54 6.23
CA ALA A 210 8.56 0.19 6.15
C ALA A 210 9.19 -0.12 7.50
N GLY A 211 8.50 0.11 8.62
CA GLY A 211 9.03 -0.23 9.92
C GLY A 211 8.78 0.82 10.99
N ASN A 212 9.01 0.47 12.25
CA ASN A 212 8.70 1.40 13.34
C ASN A 212 9.47 2.69 13.20
N GLU A 213 10.73 2.61 12.77
CA GLU A 213 11.53 3.83 12.62
C GLU A 213 10.97 4.71 11.52
N GLN A 214 10.58 4.12 10.39
CA GLN A 214 9.97 4.92 9.33
C GLN A 214 8.63 5.50 9.80
N ILE A 215 7.85 4.74 10.55
CA ILE A 215 6.60 5.24 11.10
C ILE A 215 6.86 6.46 11.96
N GLN A 216 7.89 6.39 12.79
CA GLN A 216 8.20 7.51 13.67
C GLN A 216 8.66 8.72 12.87
N MET A 217 9.43 8.48 11.80
CA MET A 217 9.77 9.59 10.90
C MET A 217 8.52 10.24 10.35
N VAL A 218 7.54 9.44 9.93
CA VAL A 218 6.31 9.99 9.37
C VAL A 218 5.58 10.82 10.42
N ILE A 219 5.47 10.28 11.64
CA ILE A 219 4.78 10.99 12.73
C ILE A 219 5.49 12.29 13.05
N ASP A 220 6.81 12.24 13.22
CA ASP A 220 7.59 13.41 13.59
C ASP A 220 7.48 14.53 12.56
N SER A 221 7.16 14.19 11.32
CA SER A 221 7.02 15.22 10.30
C SER A 221 5.78 16.08 10.50
N GLY A 222 4.87 15.67 11.38
CA GLY A 222 3.64 16.41 11.64
C GLY A 222 2.54 16.21 10.63
N ILE A 223 2.66 15.20 9.75
CA ILE A 223 1.73 15.06 8.64
C ILE A 223 0.48 14.25 9.00
N VAL A 224 0.53 13.47 10.08
CA VAL A 224 -0.59 12.58 10.40
C VAL A 224 -1.89 13.34 10.58
N PRO A 225 -1.91 14.50 11.25
CA PRO A 225 -3.17 15.27 11.34
C PRO A 225 -3.75 15.67 10.00
N HIS A 226 -2.94 15.76 8.94
CA HIS A 226 -3.45 16.04 7.61
C HIS A 226 -3.81 14.79 6.84
N LEU A 227 -3.31 13.64 7.28
CA LEU A 227 -3.58 12.38 6.63
C LEU A 227 -4.90 11.79 7.11
N VAL A 228 -5.12 11.80 8.43
CA VAL A 228 -6.29 11.11 9.00
C VAL A 228 -7.59 11.61 8.38
N PRO A 229 -7.82 12.91 8.21
CA PRO A 229 -9.10 13.36 7.66
C PRO A 229 -9.36 12.86 6.25
N LEU A 230 -8.34 12.40 5.53
CA LEU A 230 -8.58 11.90 4.18
C LEU A 230 -9.37 10.59 4.18
N LEU A 231 -9.55 9.98 5.34
CA LEU A 231 -10.45 8.84 5.46
C LEU A 231 -11.89 9.18 5.07
N SER A 232 -12.25 10.46 5.09
CA SER A 232 -13.58 10.92 4.69
C SER A 232 -13.55 11.79 3.44
N HIS A 233 -12.47 11.70 2.65
CA HIS A 233 -12.42 12.39 1.37
C HIS A 233 -13.58 11.91 0.47
N GLN A 234 -13.98 12.77 -0.47
CA GLN A 234 -15.07 12.38 -1.37
C GLN A 234 -14.62 11.30 -2.36
N GLU A 235 -13.33 11.27 -2.69
CA GLU A 235 -12.78 10.33 -3.66
C GLU A 235 -12.41 9.03 -2.95
N VAL A 236 -13.03 7.93 -3.38
CA VAL A 236 -12.80 6.67 -2.68
C VAL A 236 -11.36 6.21 -2.82
N LYS A 237 -10.69 6.57 -3.92
CA LYS A 237 -9.29 6.23 -4.08
C LYS A 237 -8.40 6.91 -3.03
N VAL A 238 -8.68 8.17 -2.74
CA VAL A 238 -8.04 8.84 -1.61
C VAL A 238 -8.38 8.15 -0.30
N GLN A 239 -9.66 7.83 -0.08
CA GLN A 239 -10.07 7.19 1.17
C GLN A 239 -9.31 5.89 1.41
N THR A 240 -9.20 5.06 0.39
CA THR A 240 -8.54 3.77 0.57
C THR A 240 -7.03 3.94 0.71
N ALA A 241 -6.43 4.88 -0.03
CA ALA A 241 -5.02 5.15 0.18
C ALA A 241 -4.76 5.62 1.61
N ALA A 242 -5.62 6.48 2.13
CA ALA A 242 -5.45 6.97 3.49
C ALA A 242 -5.64 5.83 4.48
N LEU A 243 -6.63 4.99 4.24
CA LEU A 243 -6.84 3.85 5.11
C LEU A 243 -5.59 3.00 5.19
N ARG A 244 -4.90 2.80 4.07
CA ARG A 244 -3.67 2.02 4.08
C ARG A 244 -2.56 2.72 4.85
N ALA A 245 -2.35 4.02 4.60
CA ALA A 245 -1.29 4.75 5.28
C ALA A 245 -1.46 4.76 6.80
N VAL A 246 -2.65 5.16 7.27
CA VAL A 246 -2.86 5.22 8.72
C VAL A 246 -2.98 3.83 9.32
N GLY A 247 -3.49 2.84 8.56
CA GLY A 247 -3.52 1.48 9.06
C GLY A 247 -2.14 0.93 9.34
N ASN A 248 -1.21 1.15 8.41
CA ASN A 248 0.17 0.78 8.67
C ASN A 248 0.70 1.47 9.93
N ILE A 249 0.38 2.76 10.09
CA ILE A 249 0.81 3.42 11.34
C ILE A 249 0.33 2.62 12.55
N VAL A 250 -0.96 2.28 12.58
CA VAL A 250 -1.51 1.60 13.77
C VAL A 250 -1.13 0.14 13.85
N THR A 251 -0.34 -0.39 12.89
CA THR A 251 0.30 -1.68 13.14
C THR A 251 1.48 -1.59 14.10
N GLY A 252 1.93 -0.39 14.44
CA GLY A 252 3.10 -0.24 15.28
C GLY A 252 2.79 -0.25 16.76
N THR A 253 3.44 0.63 17.50
CA THR A 253 3.33 0.64 18.95
C THR A 253 2.04 1.33 19.40
N ASP A 254 1.71 1.12 20.68
CA ASP A 254 0.55 1.78 21.26
C ASP A 254 0.67 3.30 21.18
N GLU A 255 1.89 3.82 21.32
CA GLU A 255 2.09 5.27 21.29
C GLU A 255 1.87 5.83 19.88
N GLN A 256 2.41 5.15 18.86
CA GLN A 256 2.16 5.56 17.48
C GLN A 256 0.68 5.45 17.14
N THR A 257 0.07 4.31 17.48
CA THR A 257 -1.37 4.17 17.30
C THR A 257 -2.12 5.31 17.95
N GLN A 258 -1.66 5.74 19.13
CA GLN A 258 -2.34 6.80 19.87
C GLN A 258 -2.17 8.15 19.18
N VAL A 259 -1.03 8.36 18.53
CA VAL A 259 -0.91 9.54 17.67
C VAL A 259 -2.03 9.54 16.65
N VAL A 260 -2.33 8.38 16.07
CA VAL A 260 -3.40 8.33 15.07
C VAL A 260 -4.76 8.55 15.73
N LEU A 261 -5.00 7.93 16.86
CA LEU A 261 -6.30 8.06 17.53
C LEU A 261 -6.56 9.48 17.98
N ASN A 262 -5.51 10.24 18.31
CA ASN A 262 -5.68 11.61 18.78
C ASN A 262 -6.09 12.57 17.69
N CYS A 263 -6.07 12.15 16.41
CA CYS A 263 -6.60 12.95 15.33
C CYS A 263 -8.05 12.61 15.03
N ASP A 264 -8.74 11.95 15.95
CA ASP A 264 -10.15 11.61 15.80
C ASP A 264 -10.35 10.60 14.65
N ALA A 265 -9.44 9.65 14.55
CA ALA A 265 -9.51 8.69 13.45
C ALA A 265 -10.81 7.92 13.47
N LEU A 266 -11.20 7.42 14.64
CA LEU A 266 -12.35 6.53 14.72
C LEU A 266 -13.64 7.21 14.28
N SER A 267 -13.69 8.54 14.28
CA SER A 267 -14.85 9.29 13.81
C SER A 267 -15.17 8.96 12.36
N HIS A 268 -14.16 8.59 11.58
CA HIS A 268 -14.35 8.41 10.15
C HIS A 268 -14.82 7.01 9.77
N PHE A 269 -14.98 6.11 10.74
CA PHE A 269 -15.15 4.70 10.40
C PHE A 269 -16.60 4.24 10.19
N PRO A 270 -17.61 4.88 10.79
CA PRO A 270 -18.99 4.50 10.43
C PRO A 270 -19.22 4.48 8.93
N ALA A 271 -18.80 5.53 8.23
CA ALA A 271 -18.95 5.60 6.79
C ALA A 271 -18.08 4.59 6.04
N LEU A 272 -17.12 3.96 6.72
CA LEU A 272 -16.31 2.91 6.09
C LEU A 272 -16.83 1.52 6.39
N LEU A 273 -17.35 1.30 7.61
CA LEU A 273 -17.92 0.01 7.96
C LEU A 273 -19.23 -0.25 7.23
N THR A 274 -19.96 0.80 6.86
CA THR A 274 -21.20 0.69 6.09
C THR A 274 -20.99 0.92 4.61
N HIS A 275 -19.76 1.14 4.16
CA HIS A 275 -19.53 1.42 2.76
C HIS A 275 -20.12 0.29 1.92
N PRO A 276 -20.68 0.59 0.75
CA PRO A 276 -21.12 -0.48 -0.16
C PRO A 276 -20.02 -1.44 -0.59
N LYS A 277 -18.77 -0.99 -0.68
CA LYS A 277 -17.70 -1.85 -1.17
C LYS A 277 -17.22 -2.76 -0.05
N GLU A 278 -17.33 -4.06 -0.26
CA GLU A 278 -16.91 -5.03 0.75
C GLU A 278 -15.42 -4.93 1.03
N LYS A 279 -14.61 -4.65 0.01
CA LYS A 279 -13.18 -4.51 0.26
C LYS A 279 -12.89 -3.40 1.26
N ILE A 280 -13.64 -2.30 1.17
CA ILE A 280 -13.46 -1.22 2.14
C ILE A 280 -13.86 -1.68 3.54
N ASN A 281 -14.99 -2.38 3.67
CA ASN A 281 -15.35 -2.89 4.99
C ASN A 281 -14.22 -3.73 5.56
N LYS A 282 -13.63 -4.59 4.73
CA LYS A 282 -12.58 -5.50 5.18
C LYS A 282 -11.36 -4.73 5.64
N GLU A 283 -10.99 -3.70 4.89
CA GLU A 283 -9.81 -2.91 5.25
C GLU A 283 -10.07 -2.07 6.51
N ALA A 284 -11.27 -1.51 6.64
CA ALA A 284 -11.62 -0.77 7.85
C ALA A 284 -11.60 -1.68 9.07
N VAL A 285 -12.14 -2.89 8.96
CA VAL A 285 -12.15 -3.81 10.09
C VAL A 285 -10.74 -4.27 10.42
N TRP A 286 -9.86 -4.39 9.41
CA TRP A 286 -8.46 -4.68 9.71
C TRP A 286 -7.85 -3.58 10.57
N PHE A 287 -8.04 -2.32 10.14
CA PHE A 287 -7.60 -1.18 10.94
C PHE A 287 -8.13 -1.30 12.38
N LEU A 288 -9.44 -1.50 12.51
CA LEU A 288 -10.03 -1.54 13.85
C LEU A 288 -9.49 -2.69 14.66
N SER A 289 -9.20 -3.84 14.03
CA SER A 289 -8.62 -4.95 14.76
C SER A 289 -7.23 -4.62 15.26
N ASN A 290 -6.51 -3.75 14.54
CA ASN A 290 -5.22 -3.30 15.03
C ASN A 290 -5.39 -2.28 16.14
N ILE A 291 -6.55 -1.65 16.24
CA ILE A 291 -6.81 -0.79 17.40
C ILE A 291 -7.19 -1.62 18.62
N THR A 292 -8.08 -2.60 18.45
CA THR A 292 -8.54 -3.38 19.60
C THR A 292 -7.45 -4.27 20.18
N ALA A 293 -6.31 -4.40 19.49
CA ALA A 293 -5.18 -5.14 20.01
C ALA A 293 -4.28 -4.30 20.91
N GLY A 294 -4.63 -3.06 21.17
CA GLY A 294 -3.86 -2.20 22.05
C GLY A 294 -4.36 -2.27 23.49
N ASN A 295 -3.99 -1.25 24.26
CA ASN A 295 -4.27 -1.21 25.68
C ASN A 295 -5.75 -0.94 25.94
N GLN A 296 -6.12 -0.92 27.22
CA GLN A 296 -7.52 -0.77 27.61
C GLN A 296 -8.10 0.53 27.11
N GLN A 297 -7.30 1.60 27.12
CA GLN A 297 -7.81 2.89 26.67
C GLN A 297 -8.16 2.86 25.18
N GLN A 298 -7.41 2.08 24.40
CA GLN A 298 -7.66 2.05 22.96
C GLN A 298 -8.84 1.14 22.64
N VAL A 299 -8.96 0.02 23.37
CA VAL A 299 -10.19 -0.75 23.35
C VAL A 299 -11.38 0.15 23.66
N GLN A 300 -11.24 0.96 24.71
CA GLN A 300 -12.33 1.83 25.12
C GLN A 300 -12.61 2.89 24.07
N ALA A 301 -11.58 3.35 23.37
CA ALA A 301 -11.81 4.28 22.26
C ALA A 301 -12.70 3.64 21.23
N VAL A 302 -12.43 2.39 20.87
CA VAL A 302 -13.29 1.70 19.92
C VAL A 302 -14.72 1.62 20.45
N ILE A 303 -14.87 1.28 21.73
CA ILE A 303 -16.21 1.13 22.32
C ILE A 303 -16.95 2.47 22.32
N ASP A 304 -16.28 3.53 22.77
CA ASP A 304 -16.88 4.85 22.89
C ASP A 304 -17.27 5.44 21.54
N ALA A 305 -16.71 4.93 20.45
CA ALA A 305 -17.03 5.42 19.14
C ALA A 305 -18.25 4.74 18.54
N ASN A 306 -18.92 3.88 19.32
CA ASN A 306 -20.12 3.18 18.86
C ASN A 306 -19.82 2.33 17.63
N LEU A 307 -18.64 1.71 17.60
CA LEU A 307 -18.26 0.89 16.46
C LEU A 307 -18.49 -0.59 16.68
N VAL A 308 -18.58 -1.05 17.93
CA VAL A 308 -18.66 -2.49 18.19
C VAL A 308 -19.89 -3.11 17.54
N PRO A 309 -21.09 -2.52 17.62
CA PRO A 309 -22.23 -3.17 16.98
C PRO A 309 -22.05 -3.33 15.48
N MET A 310 -21.41 -2.36 14.83
CA MET A 310 -21.12 -2.48 13.40
C MET A 310 -20.12 -3.61 13.14
N ILE A 311 -19.07 -3.70 13.98
CA ILE A 311 -18.13 -4.81 13.86
C ILE A 311 -18.83 -6.15 14.02
N ILE A 312 -19.76 -6.24 14.97
CA ILE A 312 -20.45 -7.50 15.23
C ILE A 312 -21.41 -7.82 14.11
N HIS A 313 -22.03 -6.80 13.52
CA HIS A 313 -22.88 -7.04 12.37
C HIS A 313 -22.07 -7.54 11.18
N LEU A 314 -20.87 -6.98 10.97
CA LEU A 314 -20.04 -7.48 9.88
C LEU A 314 -19.52 -8.88 10.18
N LEU A 315 -19.24 -9.17 11.45
CA LEU A 315 -18.87 -10.52 11.85
C LEU A 315 -19.98 -11.51 11.54
N ASP A 316 -21.24 -11.08 11.69
CA ASP A 316 -22.39 -11.95 11.49
C ASP A 316 -22.74 -12.10 10.01
N LYS A 317 -22.90 -10.98 9.29
CA LYS A 317 -23.50 -10.97 7.97
C LYS A 317 -22.55 -10.55 6.86
N GLY A 318 -21.33 -10.16 7.17
CA GLY A 318 -20.44 -9.69 6.13
C GLY A 318 -19.93 -10.81 5.24
N ASP A 319 -19.20 -10.42 4.20
CA ASP A 319 -18.48 -11.38 3.39
C ASP A 319 -17.41 -12.06 4.23
N PHE A 320 -16.93 -13.22 3.77
CA PHE A 320 -16.05 -14.04 4.60
C PHE A 320 -14.72 -13.34 4.89
N GLY A 321 -14.19 -12.54 3.97
CA GLY A 321 -12.97 -11.80 4.25
C GLY A 321 -13.15 -10.77 5.36
N THR A 322 -14.24 -10.01 5.29
CA THR A 322 -14.55 -9.08 6.36
C THR A 322 -14.83 -9.83 7.65
N GLN A 323 -15.51 -10.99 7.56
CA GLN A 323 -15.78 -11.77 8.77
C GLN A 323 -14.49 -12.20 9.43
N LYS A 324 -13.50 -12.60 8.63
CA LYS A 324 -12.18 -12.96 9.14
C LYS A 324 -11.56 -11.80 9.90
N GLU A 325 -11.58 -10.62 9.27
CA GLU A 325 -10.98 -9.45 9.93
C GLU A 325 -11.74 -9.07 11.20
N ALA A 326 -13.06 -9.29 11.21
CA ALA A 326 -13.83 -8.97 12.41
C ALA A 326 -13.57 -10.00 13.51
N ALA A 327 -13.38 -11.26 13.15
CA ALA A 327 -12.95 -12.25 14.13
C ALA A 327 -11.64 -11.83 14.77
N TRP A 328 -10.70 -11.34 13.97
CA TRP A 328 -9.47 -10.79 14.53
C TRP A 328 -9.77 -9.63 15.49
N ALA A 329 -10.63 -8.70 15.09
CA ALA A 329 -10.91 -7.54 15.94
C ALA A 329 -11.48 -7.95 17.29
N ILE A 330 -12.46 -8.85 17.27
CA ILE A 330 -13.04 -9.38 18.51
C ILE A 330 -11.98 -10.04 19.37
N SER A 331 -11.27 -11.04 18.81
CA SER A 331 -10.28 -11.75 19.61
C SER A 331 -9.18 -10.81 20.14
N ASN A 332 -8.72 -9.87 19.31
CA ASN A 332 -7.69 -8.95 19.76
C ASN A 332 -8.17 -8.10 20.92
N LEU A 333 -9.47 -7.82 20.99
CA LEU A 333 -9.98 -7.09 22.14
C LEU A 333 -9.65 -7.78 23.47
N THR A 334 -9.55 -9.12 23.47
CA THR A 334 -9.35 -9.84 24.72
C THR A 334 -7.91 -9.82 25.21
N ILE A 335 -6.96 -9.34 24.40
CA ILE A 335 -5.57 -9.32 24.82
C ILE A 335 -5.40 -8.45 26.06
N SER A 336 -5.84 -7.19 25.98
CA SER A 336 -5.72 -6.26 27.09
C SER A 336 -7.06 -5.72 27.56
N GLY A 337 -8.17 -6.28 27.07
CA GLY A 337 -9.48 -5.76 27.43
C GLY A 337 -9.86 -6.17 28.85
N ARG A 338 -10.48 -5.24 29.57
CA ARG A 338 -10.96 -5.49 30.92
C ARG A 338 -12.21 -6.35 30.88
N LYS A 339 -12.53 -6.96 32.02
CA LYS A 339 -13.72 -7.80 32.10
C LYS A 339 -14.97 -7.03 31.71
N ASP A 340 -15.04 -5.73 32.02
CA ASP A 340 -16.24 -4.96 31.68
C ASP A 340 -16.32 -4.70 30.18
N GLN A 341 -15.18 -4.56 29.52
CA GLN A 341 -15.19 -4.38 28.06
C GLN A 341 -15.63 -5.65 27.35
N VAL A 342 -15.09 -6.80 27.76
CA VAL A 342 -15.57 -8.08 27.23
C VAL A 342 -17.04 -8.29 27.56
N ALA A 343 -17.46 -7.84 28.74
CA ALA A 343 -18.87 -7.94 29.11
C ALA A 343 -19.73 -7.11 28.17
N TYR A 344 -19.29 -5.89 27.84
CA TYR A 344 -19.99 -5.10 26.84
C TYR A 344 -20.15 -5.90 25.56
N LEU A 345 -19.08 -6.53 25.08
CA LEU A 345 -19.18 -7.35 23.87
C LEU A 345 -20.25 -8.41 24.03
N ILE A 346 -20.27 -9.08 25.18
CA ILE A 346 -21.28 -10.11 25.42
C ILE A 346 -22.68 -9.52 25.32
N GLN A 347 -22.89 -8.36 25.96
CA GLN A 347 -24.17 -7.69 25.86
C GLN A 347 -24.60 -7.48 24.43
N GLN A 348 -23.65 -7.25 23.52
CA GLN A 348 -23.96 -6.92 22.13
C GLN A 348 -24.13 -8.16 21.25
N ASN A 349 -24.34 -9.33 21.84
CA ASN A 349 -24.64 -10.55 21.11
C ASN A 349 -23.47 -10.97 20.22
N VAL A 350 -22.26 -10.90 20.79
CA VAL A 350 -21.06 -11.26 20.03
C VAL A 350 -20.91 -12.78 19.88
N ILE A 351 -21.43 -13.55 20.84
CA ILE A 351 -21.09 -14.97 20.95
C ILE A 351 -21.65 -15.78 19.78
N PRO A 352 -22.91 -15.63 19.40
CA PRO A 352 -23.47 -16.48 18.32
C PRO A 352 -22.69 -16.36 17.02
N PRO A 353 -22.44 -15.14 16.51
CA PRO A 353 -21.66 -15.05 15.25
C PRO A 353 -20.19 -15.40 15.41
N PHE A 354 -19.58 -14.98 16.53
CA PHE A 354 -18.23 -15.41 16.85
C PHE A 354 -18.11 -16.94 16.73
N CYS A 355 -19.02 -17.67 17.39
CA CYS A 355 -18.98 -19.13 17.36
C CYS A 355 -19.32 -19.68 15.99
N ASN A 356 -20.24 -19.03 15.28
CA ASN A 356 -20.58 -19.49 13.93
C ASN A 356 -19.35 -19.55 13.05
N LEU A 357 -18.36 -18.71 13.35
CA LEU A 357 -17.15 -18.77 12.53
C LEU A 357 -16.25 -19.99 12.81
N LEU A 358 -16.63 -20.87 13.74
CA LEU A 358 -15.75 -21.97 14.12
C LEU A 358 -15.72 -23.12 13.11
N THR A 359 -16.63 -23.15 12.14
CA THR A 359 -16.69 -24.25 11.19
C THR A 359 -16.13 -23.90 9.83
N VAL A 360 -15.47 -22.75 9.68
CA VAL A 360 -14.96 -22.35 8.37
C VAL A 360 -13.75 -23.20 8.03
N LYS A 361 -13.34 -23.17 6.76
CA LYS A 361 -12.18 -23.91 6.29
C LYS A 361 -10.85 -23.25 6.63
N ASP A 362 -10.86 -21.94 6.94
CA ASP A 362 -9.61 -21.24 7.22
C ASP A 362 -9.18 -21.55 8.65
N ALA A 363 -8.12 -22.35 8.79
CA ALA A 363 -7.68 -22.77 10.11
C ALA A 363 -7.27 -21.58 10.97
N GLN A 364 -6.74 -20.51 10.35
CA GLN A 364 -6.33 -19.34 11.11
C GLN A 364 -7.52 -18.66 11.78
N VAL A 365 -8.66 -18.59 11.10
CA VAL A 365 -9.86 -18.00 11.69
C VAL A 365 -10.34 -18.86 12.86
N VAL A 366 -10.36 -20.17 12.67
CA VAL A 366 -10.76 -21.06 13.75
C VAL A 366 -9.88 -20.84 14.96
N GLN A 367 -8.57 -20.77 14.76
CA GLN A 367 -7.65 -20.57 15.87
C GLN A 367 -7.91 -19.23 16.54
N VAL A 368 -8.10 -18.18 15.76
CA VAL A 368 -8.36 -16.86 16.34
C VAL A 368 -9.59 -16.92 17.22
N VAL A 369 -10.67 -17.52 16.71
CA VAL A 369 -11.92 -17.57 17.47
C VAL A 369 -11.74 -18.37 18.75
N LEU A 370 -11.07 -19.52 18.68
CA LEU A 370 -10.85 -20.33 19.88
C LEU A 370 -10.00 -19.58 20.90
N ASP A 371 -8.94 -18.90 20.45
CA ASP A 371 -8.14 -18.11 21.38
C ASP A 371 -8.98 -17.03 22.05
N GLY A 372 -9.86 -16.39 21.29
CA GLY A 372 -10.71 -15.37 21.86
C GLY A 372 -11.64 -15.94 22.89
N LEU A 373 -12.31 -17.06 22.57
CA LEU A 373 -13.22 -17.68 23.52
C LEU A 373 -12.48 -18.11 24.77
N SER A 374 -11.28 -18.67 24.60
CA SER A 374 -10.49 -19.07 25.76
C SER A 374 -10.21 -17.87 26.64
N ASN A 375 -9.77 -16.75 26.05
CA ASN A 375 -9.48 -15.58 26.86
C ASN A 375 -10.73 -15.04 27.54
N ILE A 376 -11.87 -15.10 26.84
CA ILE A 376 -13.13 -14.60 27.41
C ILE A 376 -13.49 -15.43 28.65
N LEU A 377 -13.44 -16.75 28.52
CA LEU A 377 -13.78 -17.62 29.64
C LEU A 377 -12.77 -17.46 30.78
N LYS A 378 -11.48 -17.40 30.46
CA LYS A 378 -10.47 -17.22 31.50
C LYS A 378 -10.68 -15.91 32.25
N MET A 379 -11.08 -14.86 31.53
CA MET A 379 -11.23 -13.55 32.15
C MET A 379 -12.43 -13.52 33.09
N ALA A 380 -13.54 -14.10 32.67
CA ALA A 380 -14.74 -14.17 33.49
C ALA A 380 -14.50 -15.14 34.63
N GLU A 381 -14.42 -14.62 35.86
CA GLU A 381 -14.23 -15.49 37.02
C GLU A 381 -15.55 -16.16 37.41
N ASP A 382 -16.57 -15.35 37.72
CA ASP A 382 -17.87 -15.88 38.12
C ASP A 382 -18.79 -16.09 36.93
N GLU A 383 -18.82 -15.14 36.00
CA GLU A 383 -19.70 -15.25 34.84
C GLU A 383 -19.29 -16.38 33.89
N ALA A 384 -18.23 -17.14 34.21
CA ALA A 384 -17.79 -18.20 33.32
C ALA A 384 -18.93 -19.16 32.99
N GLU A 385 -19.73 -19.53 33.98
CA GLU A 385 -20.83 -20.46 33.72
C GLU A 385 -21.86 -19.85 32.80
N THR A 386 -22.18 -18.57 32.98
CA THR A 386 -23.15 -17.91 32.13
C THR A 386 -22.66 -17.84 30.69
N ILE A 387 -21.39 -17.49 30.50
CA ILE A 387 -20.82 -17.40 29.15
C ILE A 387 -20.78 -18.79 28.52
N GLY A 388 -20.47 -19.83 29.30
CA GLY A 388 -20.52 -21.17 28.78
C GLY A 388 -21.91 -21.57 28.35
N ASN A 389 -22.91 -21.14 29.13
CA ASN A 389 -24.30 -21.40 28.74
C ASN A 389 -24.64 -20.71 27.43
N LEU A 390 -24.14 -19.50 27.23
CA LEU A 390 -24.38 -18.81 25.96
C LEU A 390 -23.69 -19.54 24.80
N ILE A 391 -22.45 -19.98 25.01
CA ILE A 391 -21.72 -20.70 23.96
C ILE A 391 -22.46 -21.98 23.60
N GLU A 392 -22.98 -22.70 24.60
CA GLU A 392 -23.74 -23.91 24.34
C GLU A 392 -25.05 -23.61 23.62
N GLU A 393 -25.79 -22.62 24.12
CA GLU A 393 -27.08 -22.23 23.54
C GLU A 393 -27.02 -22.12 22.01
N CYS A 394 -26.02 -21.42 21.49
CA CYS A 394 -25.95 -21.10 20.08
C CYS A 394 -25.30 -22.19 19.24
N GLY A 395 -24.94 -23.32 19.85
CA GLY A 395 -24.25 -24.39 19.15
C GLY A 395 -22.75 -24.32 19.19
N GLY A 396 -22.18 -23.30 19.85
CA GLY A 396 -20.74 -23.16 19.87
C GLY A 396 -20.04 -24.36 20.49
N LEU A 397 -20.59 -24.86 21.59
CA LEU A 397 -19.96 -25.98 22.28
C LEU A 397 -19.89 -27.21 21.39
N GLU A 398 -20.97 -27.52 20.67
CA GLU A 398 -20.92 -28.63 19.72
C GLU A 398 -19.82 -28.42 18.69
N LYS A 399 -19.63 -27.17 18.25
CA LYS A 399 -18.59 -26.88 17.28
C LYS A 399 -17.20 -27.10 17.86
N ILE A 400 -16.98 -26.71 19.12
CA ILE A 400 -15.68 -26.96 19.77
C ILE A 400 -15.43 -28.46 19.90
N GLU A 401 -16.44 -29.19 20.39
CA GLU A 401 -16.35 -30.63 20.49
C GLU A 401 -15.93 -31.22 19.15
N GLN A 402 -16.55 -30.78 18.06
CA GLN A 402 -16.19 -31.28 16.74
C GLN A 402 -14.75 -30.91 16.38
N LEU A 403 -14.33 -29.69 16.75
CA LEU A 403 -12.96 -29.26 16.48
C LEU A 403 -11.93 -30.14 17.16
N GLN A 404 -12.33 -30.84 18.22
CA GLN A 404 -11.43 -31.82 18.82
C GLN A 404 -10.87 -32.80 17.79
N ASN A 405 -11.60 -33.03 16.69
CA ASN A 405 -11.14 -33.92 15.63
C ASN A 405 -10.57 -33.16 14.44
N HIS A 406 -10.17 -31.91 14.63
CA HIS A 406 -9.63 -31.10 13.55
C HIS A 406 -8.23 -31.59 13.18
N GLU A 407 -7.86 -31.40 11.91
CA GLU A 407 -6.54 -31.78 11.44
C GLU A 407 -5.44 -31.03 12.19
N ASN A 408 -5.66 -29.75 12.44
CA ASN A 408 -4.61 -28.88 12.96
C ASN A 408 -4.33 -29.18 14.44
N GLU A 409 -3.06 -29.41 14.75
CA GLU A 409 -2.63 -29.69 16.11
C GLU A 409 -3.11 -28.61 17.08
N ASP A 410 -2.75 -27.36 16.82
CA ASP A 410 -3.08 -26.27 17.74
C ASP A 410 -4.58 -26.17 17.97
N ILE A 411 -5.38 -26.33 16.92
CA ILE A 411 -6.82 -26.19 17.07
C ILE A 411 -7.39 -27.29 17.98
N TYR A 412 -7.07 -28.55 17.71
CA TYR A 412 -7.71 -29.59 18.52
C TYR A 412 -7.14 -29.62 19.94
N LYS A 413 -5.85 -29.29 20.11
CA LYS A 413 -5.32 -29.11 21.45
C LYS A 413 -6.10 -28.05 22.22
N LEU A 414 -6.35 -26.89 21.59
CA LEU A 414 -7.06 -25.84 22.29
C LEU A 414 -8.51 -26.20 22.54
N ALA A 415 -9.13 -26.94 21.61
CA ALA A 415 -10.51 -27.40 21.82
C ALA A 415 -10.59 -28.28 23.06
N TYR A 416 -9.65 -29.23 23.18
CA TYR A 416 -9.56 -30.03 24.40
C TYR A 416 -9.40 -29.13 25.61
N GLU A 417 -8.44 -28.21 25.58
CA GLU A 417 -8.20 -27.34 26.73
C GLU A 417 -9.48 -26.64 27.17
N ILE A 418 -10.19 -26.05 26.20
CA ILE A 418 -11.39 -25.26 26.52
C ILE A 418 -12.45 -26.15 27.14
N ILE A 419 -12.76 -27.28 26.49
CA ILE A 419 -13.78 -28.18 27.02
C ILE A 419 -13.42 -28.60 28.43
N ASP A 420 -12.18 -29.07 28.61
CA ASP A 420 -11.77 -29.58 29.92
C ASP A 420 -11.87 -28.51 30.99
N GLN A 421 -11.46 -27.29 30.66
CA GLN A 421 -11.38 -26.24 31.67
C GLN A 421 -12.72 -25.57 31.94
N PHE A 422 -13.71 -25.67 31.04
CA PHE A 422 -14.94 -24.92 31.20
C PHE A 422 -16.21 -25.68 30.89
N PHE A 423 -16.18 -26.83 30.23
CA PHE A 423 -17.38 -27.60 29.90
C PHE A 423 -17.28 -29.03 30.41
N SER A 424 -16.71 -29.20 31.61
CA SER A 424 -16.51 -30.52 32.21
C SER A 424 -16.82 -30.44 33.71
N SER A 425 -18.01 -29.96 34.04
CA SER A 425 -18.43 -29.80 35.43
C SER A 425 -19.51 -30.83 35.79
N CYS B 12 -1.76 -16.66 16.42
CA CYS B 12 -1.58 -15.91 17.66
C CYS B 12 -2.14 -14.49 17.54
N LEU B 13 -2.74 -14.01 18.62
CA LEU B 13 -3.44 -12.73 18.58
C LEU B 13 -2.45 -11.57 18.62
N GLY B 14 -2.89 -10.43 18.06
CA GLY B 14 -2.07 -9.24 18.02
C GLY B 14 -2.22 -8.42 16.75
N ARG B 15 -1.50 -7.31 16.67
CA ARG B 15 -1.54 -6.49 15.48
C ARG B 15 -0.96 -7.23 14.28
N ARG B 16 -1.44 -6.86 13.10
CA ARG B 16 -1.04 -7.51 11.86
C ARG B 16 -0.77 -6.46 10.79
N VAL B 17 0.19 -6.76 9.91
CA VAL B 17 0.50 -5.90 8.77
C VAL B 17 -0.56 -6.07 7.70
N VAL B 18 -0.52 -5.22 6.67
CA VAL B 18 -1.45 -5.32 5.54
C VAL B 18 -1.50 -6.77 5.05
N GLN B 19 -2.67 -7.25 4.87
CA GLN B 19 -2.95 -8.62 4.49
C GLN B 19 -3.03 -8.75 2.97
N PRO B 20 -2.76 -9.94 2.43
CA PRO B 20 -2.88 -10.14 0.97
C PRO B 20 -4.27 -9.81 0.47
N GLY B 21 -4.32 -9.21 -0.72
CA GLY B 21 -5.57 -8.83 -1.35
C GLY B 21 -6.08 -7.45 -0.96
N MET B 22 -5.54 -6.86 0.10
CA MET B 22 -5.94 -5.52 0.49
C MET B 22 -5.23 -4.49 -0.36
N PHE B 23 -5.96 -3.41 -0.68
CA PHE B 23 -5.40 -2.30 -1.43
C PHE B 23 -4.70 -2.79 -2.69
N ALA B 24 -5.44 -3.55 -3.49
CA ALA B 24 -4.91 -4.13 -4.72
C ALA B 24 -4.71 -3.10 -5.82
N ASP B 25 -5.28 -1.91 -5.67
CA ASP B 25 -5.25 -0.86 -6.69
C ASP B 25 -4.07 0.09 -6.49
N TYR B 26 -2.88 -0.46 -6.37
CA TYR B 26 -1.70 0.36 -6.13
C TYR B 26 -1.31 1.10 -7.41
N PRO B 27 -0.58 2.20 -7.30
CA PRO B 27 -0.12 2.90 -8.51
C PRO B 27 0.89 2.07 -9.26
N PRO B 28 0.80 2.00 -10.58
CA PRO B 28 1.72 1.14 -11.32
C PRO B 28 3.18 1.50 -11.07
N THR B 29 4.03 0.49 -11.12
CA THR B 29 5.46 0.73 -11.03
C THR B 29 6.01 1.33 -12.32
N LYS B 30 5.39 1.01 -13.46
CA LYS B 30 5.90 1.42 -14.76
C LYS B 30 4.76 1.90 -15.64
N LYS B 31 5.01 2.93 -16.43
CA LYS B 31 4.03 3.52 -17.33
C LYS B 31 4.69 3.81 -18.67
N ALA B 32 4.08 3.32 -19.74
CA ALA B 32 4.51 3.69 -21.08
C ALA B 32 3.76 4.95 -21.52
N ARG B 33 4.42 5.77 -22.33
CA ARG B 33 3.79 6.94 -22.92
C ARG B 33 3.22 6.54 -24.27
N VAL B 34 1.91 6.54 -24.39
CA VAL B 34 1.21 6.09 -25.58
C VAL B 34 0.63 7.31 -26.27
N LEU B 35 0.87 7.40 -27.57
CA LEU B 35 0.32 8.48 -28.38
C LEU B 35 -1.17 8.27 -28.52
N LEU B 36 -1.94 9.33 -28.25
CA LEU B 36 -3.40 9.37 -28.41
C LEU B 36 -4.16 8.77 -27.24
N ARG B 37 -3.51 8.45 -26.13
CA ARG B 37 -4.22 7.88 -24.99
C ARG B 37 -4.52 8.93 -23.93
#